data_6D2T
#
_entry.id   6D2T
#
_cell.length_a   50.686
_cell.length_b   82.100
_cell.length_c   109.842
_cell.angle_alpha   90.00
_cell.angle_beta   90.00
_cell.angle_gamma   90.00
#
_symmetry.space_group_name_H-M   'P 21 21 21'
#
loop_
_entity.id
_entity.type
_entity.pdbx_description
1 polymer 'HLA class I histocompatibility antigen, B-57 alpha chain'
2 polymer Beta-2-microglobulin
3 polymer LEU-ALA-LEU-LEU-THR-GLY-VAL-ARG-TRP
4 water water
#
loop_
_entity_poly.entity_id
_entity_poly.type
_entity_poly.pdbx_seq_one_letter_code
_entity_poly.pdbx_strand_id
1 'polypeptide(L)'
;GSHSMRYFYTAMSRPGRGEPRFIAVGYVDDTQFVRFDSDAASPRMAPRAPWIEQEGPEYWDGETRNMKASAQTYRENLRI
ALRYYNQSEAGSHIIQVMYGCDVGPDGRLLRGHDQSAYDGKDYIALNEDLSSWTAADTAAQITQRKWEAARVAEQLRAYL
EGLCVEWLRRYLENGKETLQRADPPKTHVTHHPISDHEATLRCWALGFYPAEITLTWQRDGEDQTQDTELVETRPAGDRT
FQKWAAVVVPSGEEQRYTCHVQHEGLPKPLTLRWEP
;
A
2 'polypeptide(L)'
;MIQRTPKIQVYSRHPAENGKSNFLNCYVSGFHPSDIEVDLLKNGERIEKVEHSDLSFSKDWSFYLLYYTEFTPTEKDEYA
CRVNHVTLSQPKIVKWDRDM
;
B
3 'polypeptide(L)' LALLTGVRW C
#
# COMPACT_ATOMS: atom_id res chain seq x y z
N GLY A 1 18.53 5.77 9.15
CA GLY A 1 17.85 4.81 10.01
C GLY A 1 17.83 3.42 9.40
N SER A 2 16.75 2.68 9.63
CA SER A 2 16.61 1.35 9.07
C SER A 2 15.81 1.41 7.77
N HIS A 3 16.03 0.43 6.89
CA HIS A 3 15.37 0.43 5.60
C HIS A 3 14.88 -0.96 5.23
N SER A 4 13.97 -1.03 4.26
CA SER A 4 13.46 -2.31 3.80
C SER A 4 13.36 -2.36 2.29
N MET A 5 13.45 -3.59 1.76
CA MET A 5 13.08 -3.85 0.38
C MET A 5 12.00 -4.92 0.37
N ARG A 6 10.99 -4.76 -0.48
CA ARG A 6 9.88 -5.69 -0.50
C ARG A 6 9.35 -5.87 -1.92
N TYR A 7 9.11 -7.13 -2.30
CA TYR A 7 8.43 -7.46 -3.55
C TYR A 7 7.05 -8.04 -3.26
N PHE A 8 6.07 -7.63 -4.06
CA PHE A 8 4.70 -8.08 -3.93
C PHE A 8 4.21 -8.70 -5.25
N TYR A 9 3.80 -9.97 -5.20
CA TYR A 9 3.24 -10.65 -6.37
C TYR A 9 1.75 -10.87 -6.18
N THR A 10 0.98 -10.61 -7.24
CA THR A 10 -0.43 -10.98 -7.27
C THR A 10 -0.70 -11.84 -8.51
N ALA A 11 -1.23 -13.04 -8.30
CA ALA A 11 -1.61 -13.91 -9.43
C ALA A 11 -3.09 -14.23 -9.35
N MET A 12 -3.83 -13.85 -10.40
CA MET A 12 -5.28 -13.93 -10.36
C MET A 12 -5.86 -14.72 -11.54
N SER A 13 -6.50 -15.85 -11.25
CA SER A 13 -7.12 -16.65 -12.31
C SER A 13 -8.43 -16.02 -12.74
N ARG A 14 -8.85 -16.34 -13.95
CA ARG A 14 -10.05 -15.74 -14.53
C ARG A 14 -10.60 -16.63 -15.65
N PRO A 15 -11.19 -17.77 -15.27
CA PRO A 15 -11.66 -18.78 -16.23
C PRO A 15 -12.55 -18.17 -17.31
N GLY A 16 -12.28 -18.52 -18.56
CA GLY A 16 -13.04 -18.00 -19.68
C GLY A 16 -12.45 -16.72 -20.23
N ARG A 17 -11.53 -16.12 -19.47
CA ARG A 17 -10.92 -14.86 -19.87
C ARG A 17 -9.39 -14.94 -19.97
N GLY A 18 -8.90 -16.05 -20.51
CA GLY A 18 -7.47 -16.22 -20.72
C GLY A 18 -6.73 -16.75 -19.50
N GLU A 19 -5.41 -16.65 -19.54
CA GLU A 19 -4.54 -17.16 -18.48
C GLU A 19 -4.54 -16.22 -17.28
N PRO A 20 -4.12 -16.72 -16.10
CA PRO A 20 -4.09 -15.86 -14.92
C PRO A 20 -3.21 -14.62 -15.10
N ARG A 21 -3.69 -13.48 -14.62
CA ARG A 21 -2.89 -12.28 -14.63
C ARG A 21 -1.83 -12.35 -13.54
N PHE A 22 -0.61 -11.90 -13.87
CA PHE A 22 0.47 -11.82 -12.88
C PHE A 22 1.00 -10.38 -12.82
N ILE A 23 0.91 -9.77 -11.64
CA ILE A 23 1.43 -8.42 -11.40
C ILE A 23 2.47 -8.45 -10.28
N ALA A 24 3.62 -7.85 -10.52
CA ALA A 24 4.67 -7.74 -9.51
C ALA A 24 5.10 -6.29 -9.35
N VAL A 25 5.26 -5.84 -8.11
CA VAL A 25 5.81 -4.52 -7.86
C VAL A 25 6.92 -4.62 -6.81
N GLY A 26 7.88 -3.70 -6.88
CA GLY A 26 8.98 -3.67 -5.93
C GLY A 26 9.05 -2.33 -5.23
N TYR A 27 9.36 -2.38 -3.94
CA TYR A 27 9.42 -1.19 -3.09
C TYR A 27 10.73 -1.12 -2.33
N VAL A 28 11.25 0.10 -2.15
CA VAL A 28 12.22 0.36 -1.08
C VAL A 28 11.52 1.31 -0.11
N ASP A 29 11.41 0.89 1.14
CA ASP A 29 10.58 1.60 2.11
C ASP A 29 9.21 1.87 1.48
N ASP A 30 8.80 3.13 1.40
CA ASP A 30 7.48 3.45 0.83
C ASP A 30 7.55 4.00 -0.58
N THR A 31 8.64 3.66 -1.28
CA THR A 31 8.89 4.10 -2.65
C THR A 31 8.86 2.92 -3.63
N GLN A 32 7.90 2.91 -4.54
CA GLN A 32 7.84 1.87 -5.56
C GLN A 32 8.93 2.16 -6.59
N PHE A 33 9.67 1.14 -7.03
CA PHE A 33 10.71 1.38 -8.02
C PHE A 33 10.66 0.49 -9.27
N VAL A 34 9.95 -0.64 -9.22
CA VAL A 34 9.74 -1.44 -10.44
C VAL A 34 8.33 -2.01 -10.49
N ARG A 35 7.92 -2.41 -11.68
CA ARG A 35 6.65 -3.09 -11.88
C ARG A 35 6.72 -4.08 -13.04
N PHE A 36 5.87 -5.10 -12.99
CA PHE A 36 5.68 -6.04 -14.09
C PHE A 36 4.20 -6.41 -14.16
N ASP A 37 3.62 -6.35 -15.35
CA ASP A 37 2.22 -6.73 -15.57
C ASP A 37 2.11 -7.61 -16.79
N SER A 38 1.69 -8.86 -16.60
CA SER A 38 1.60 -9.80 -17.70
C SER A 38 0.53 -9.38 -18.72
N ASP A 39 -0.33 -8.43 -18.34
CA ASP A 39 -1.39 -7.95 -19.22
C ASP A 39 -0.95 -6.75 -20.09
N ALA A 40 0.23 -6.21 -19.81
CA ALA A 40 0.75 -5.10 -20.59
C ALA A 40 0.94 -5.50 -22.05
N ALA A 41 0.89 -4.52 -22.95
CA ALA A 41 1.06 -4.80 -24.37
C ALA A 41 2.40 -5.52 -24.63
N SER A 42 3.42 -5.09 -23.91
CA SER A 42 4.73 -5.75 -23.97
C SER A 42 5.33 -5.89 -22.57
N PRO A 43 4.99 -7.00 -21.88
CA PRO A 43 5.39 -7.24 -20.48
C PRO A 43 6.90 -7.23 -20.27
N ARG A 44 7.35 -6.35 -19.38
CA ARG A 44 8.75 -6.28 -18.97
C ARG A 44 8.82 -5.67 -17.59
N MET A 45 9.89 -5.96 -16.85
CA MET A 45 10.14 -5.22 -15.62
C MET A 45 10.46 -3.79 -16.03
N ALA A 46 9.71 -2.83 -15.49
CA ALA A 46 9.84 -1.43 -15.90
C ALA A 46 10.11 -0.53 -14.69
N PRO A 47 10.92 0.53 -14.89
CA PRO A 47 11.27 1.48 -13.83
C PRO A 47 10.07 2.31 -13.38
N ARG A 48 9.98 2.54 -12.07
CA ARG A 48 8.95 3.42 -11.52
C ARG A 48 9.57 4.50 -10.63
N ALA A 49 10.89 4.48 -10.50
CA ALA A 49 11.63 5.54 -9.80
C ALA A 49 12.86 5.93 -10.62
N PRO A 50 13.22 7.22 -10.62
CA PRO A 50 14.33 7.69 -11.46
C PRO A 50 15.69 7.04 -11.15
N TRP A 51 15.97 6.75 -9.89
CA TRP A 51 17.28 6.21 -9.54
C TRP A 51 17.54 4.77 -10.01
N ILE A 52 16.48 4.02 -10.34
CA ILE A 52 16.68 2.66 -10.83
C ILE A 52 17.02 2.67 -12.33
N GLU A 53 16.78 3.81 -12.98
CA GLU A 53 16.93 3.91 -14.42
C GLU A 53 18.39 3.80 -14.88
N GLN A 54 19.32 3.99 -13.95
CA GLN A 54 20.73 3.91 -14.30
C GLN A 54 21.23 2.46 -14.41
N GLU A 55 20.41 1.50 -14.00
CA GLU A 55 20.76 0.09 -14.18
C GLU A 55 20.77 -0.27 -15.67
N GLY A 56 21.69 -1.13 -16.08
CA GLY A 56 21.88 -1.44 -17.48
C GLY A 56 20.99 -2.52 -18.04
N PRO A 57 21.12 -2.79 -19.35
CA PRO A 57 20.29 -3.78 -20.06
C PRO A 57 20.38 -5.19 -19.50
N GLU A 58 21.51 -5.54 -18.90
CA GLU A 58 21.64 -6.86 -18.27
C GLU A 58 20.74 -6.97 -17.04
N TYR A 59 20.62 -5.89 -16.29
CA TYR A 59 19.70 -5.85 -15.15
C TYR A 59 18.26 -6.06 -15.62
N TRP A 60 17.79 -5.22 -16.53
CA TRP A 60 16.41 -5.24 -16.97
C TRP A 60 16.02 -6.52 -17.71
N ASP A 61 16.95 -7.04 -18.51
CA ASP A 61 16.69 -8.30 -19.20
C ASP A 61 16.61 -9.44 -18.20
N GLY A 62 17.54 -9.45 -17.24
CA GLY A 62 17.54 -10.42 -16.18
C GLY A 62 16.25 -10.40 -15.35
N GLU A 63 15.80 -9.21 -14.98
CA GLU A 63 14.60 -9.11 -14.16
C GLU A 63 13.34 -9.49 -14.94
N THR A 64 13.34 -9.17 -16.23
CA THR A 64 12.21 -9.52 -17.09
C THR A 64 12.11 -11.03 -17.29
N ARG A 65 13.24 -11.69 -17.55
CA ARG A 65 13.26 -13.15 -17.69
C ARG A 65 12.72 -13.83 -16.43
N ASN A 66 13.14 -13.31 -15.28
CA ASN A 66 12.70 -13.82 -13.99
C ASN A 66 11.20 -13.66 -13.79
N MET A 67 10.66 -12.48 -14.09
CA MET A 67 9.23 -12.24 -13.91
C MET A 67 8.37 -13.12 -14.81
N LYS A 68 8.84 -13.35 -16.04
CA LYS A 68 8.09 -14.22 -16.95
C LYS A 68 8.06 -15.66 -16.44
N ALA A 69 9.21 -16.15 -15.96
CA ALA A 69 9.28 -17.46 -15.35
C ALA A 69 8.42 -17.54 -14.09
N SER A 70 8.46 -16.49 -13.28
CA SER A 70 7.65 -16.42 -12.07
C SER A 70 6.15 -16.47 -12.38
N ALA A 71 5.73 -15.73 -13.41
CA ALA A 71 4.32 -15.76 -13.81
C ALA A 71 3.88 -17.18 -14.15
N GLN A 72 4.72 -17.91 -14.87
CA GLN A 72 4.44 -19.29 -15.22
C GLN A 72 4.36 -20.18 -13.98
N THR A 73 5.26 -19.98 -13.04
CA THR A 73 5.27 -20.76 -11.81
C THR A 73 3.99 -20.56 -11.01
N TYR A 74 3.55 -19.31 -10.89
CA TYR A 74 2.36 -19.03 -10.08
C TYR A 74 1.06 -19.36 -10.80
N ARG A 75 1.10 -19.46 -12.12
CA ARG A 75 -0.03 -20.00 -12.85
C ARG A 75 -0.16 -21.49 -12.53
N GLU A 76 0.97 -22.18 -12.41
CA GLU A 76 0.96 -23.59 -12.03
C GLU A 76 0.50 -23.73 -10.58
N ASN A 77 0.99 -22.88 -9.69
CA ASN A 77 0.56 -22.90 -8.29
C ASN A 77 -0.95 -22.70 -8.14
N LEU A 78 -1.54 -21.87 -8.99
CA LEU A 78 -3.00 -21.69 -8.92
C LEU A 78 -3.73 -22.99 -9.26
N ARG A 79 -3.18 -23.77 -10.19
CA ARG A 79 -3.79 -25.05 -10.56
C ARG A 79 -3.61 -26.08 -9.44
N ILE A 80 -2.44 -26.08 -8.83
CA ILE A 80 -2.16 -26.94 -7.69
C ILE A 80 -3.11 -26.64 -6.52
N ALA A 81 -3.34 -25.36 -6.27
CA ALA A 81 -4.17 -24.94 -5.14
C ALA A 81 -5.59 -25.47 -5.29
N LEU A 82 -6.07 -25.56 -6.54
CA LEU A 82 -7.40 -26.09 -6.82
C LEU A 82 -7.52 -27.51 -6.29
N ARG A 83 -6.47 -28.31 -6.50
CA ARG A 83 -6.45 -29.69 -6.04
C ARG A 83 -6.35 -29.78 -4.53
N TYR A 84 -5.61 -28.85 -3.92
CA TYR A 84 -5.42 -28.86 -2.47
C TYR A 84 -6.69 -28.49 -1.71
N TYR A 85 -7.58 -27.76 -2.37
CA TYR A 85 -8.79 -27.28 -1.71
C TYR A 85 -10.08 -27.85 -2.31
N ASN A 86 -9.95 -28.84 -3.17
CA ASN A 86 -11.10 -29.51 -3.80
C ASN A 86 -11.99 -28.54 -4.55
N GLN A 87 -11.36 -27.61 -5.28
CA GLN A 87 -12.11 -26.57 -6.00
C GLN A 87 -12.19 -26.84 -7.50
N SER A 88 -13.22 -26.30 -8.14
CA SER A 88 -13.42 -26.50 -9.57
C SER A 88 -12.62 -25.51 -10.42
N GLU A 89 -12.56 -25.78 -11.71
CA GLU A 89 -11.83 -24.93 -12.64
C GLU A 89 -12.63 -23.71 -13.09
N ALA A 90 -13.86 -23.56 -12.58
CA ALA A 90 -14.75 -22.50 -13.03
C ALA A 90 -14.61 -21.18 -12.26
N GLY A 91 -14.05 -21.26 -11.05
CA GLY A 91 -13.96 -20.07 -10.20
C GLY A 91 -12.67 -19.27 -10.37
N SER A 92 -12.72 -18.01 -9.93
CA SER A 92 -11.56 -17.14 -9.94
C SER A 92 -10.89 -17.10 -8.56
N HIS A 93 -9.57 -17.29 -8.52
CA HIS A 93 -8.85 -17.30 -7.25
C HIS A 93 -7.58 -16.48 -7.33
N ILE A 94 -7.00 -16.15 -6.18
CA ILE A 94 -5.84 -15.28 -6.12
C ILE A 94 -4.76 -15.82 -5.21
N ILE A 95 -3.53 -15.83 -5.70
CA ILE A 95 -2.36 -16.07 -4.86
C ILE A 95 -1.61 -14.76 -4.67
N GLN A 96 -1.21 -14.46 -3.44
CA GLN A 96 -0.36 -13.30 -3.16
C GLN A 96 0.91 -13.73 -2.45
N VAL A 97 2.00 -13.02 -2.74
CA VAL A 97 3.27 -13.26 -2.08
C VAL A 97 3.91 -11.92 -1.73
N MET A 98 4.60 -11.91 -0.67
CA MET A 98 5.33 -10.74 -0.18
C MET A 98 6.54 -11.16 0.67
N TYR A 99 7.75 -10.71 -0.01
CA TYR A 99 9.04 -11.10 0.56
C TYR A 99 10.03 -9.94 0.53
N GLY A 100 11.08 -10.05 1.32
CA GLY A 100 12.11 -9.02 1.33
C GLY A 100 12.96 -9.00 2.60
N CYS A 101 13.80 -7.97 2.70
CA CYS A 101 14.73 -7.84 3.81
C CYS A 101 14.67 -6.47 4.47
N ASP A 102 14.99 -6.42 5.76
CA ASP A 102 15.15 -5.15 6.48
C ASP A 102 16.62 -5.04 6.88
N VAL A 103 17.21 -3.86 6.69
CA VAL A 103 18.57 -3.64 7.17
C VAL A 103 18.61 -2.48 8.15
N GLY A 104 19.55 -2.54 9.10
CA GLY A 104 19.75 -1.47 10.04
C GLY A 104 20.72 -0.45 9.49
N PRO A 105 20.97 0.63 10.26
CA PRO A 105 21.86 1.73 9.88
C PRO A 105 23.21 1.25 9.32
N ASP A 106 23.74 0.16 9.88
CA ASP A 106 25.02 -0.38 9.45
C ASP A 106 24.89 -1.29 8.23
N GLY A 107 23.68 -1.39 7.69
CA GLY A 107 23.44 -2.17 6.50
C GLY A 107 23.42 -3.68 6.67
N ARG A 108 23.38 -4.15 7.91
CA ARG A 108 23.31 -5.58 8.18
C ARG A 108 21.86 -6.04 8.24
N LEU A 109 21.61 -7.31 7.88
CA LEU A 109 20.26 -7.86 7.92
C LEU A 109 19.69 -7.78 9.33
N LEU A 110 18.52 -7.17 9.46
CA LEU A 110 17.79 -7.16 10.73
C LEU A 110 16.86 -8.36 10.77
N ARG A 111 16.16 -8.58 9.65
CA ARG A 111 15.34 -9.79 9.49
C ARG A 111 14.82 -9.93 8.07
N GLY A 112 14.48 -11.17 7.70
CA GLY A 112 13.98 -11.48 6.37
C GLY A 112 12.52 -11.89 6.41
N HIS A 113 11.86 -11.86 5.26
CA HIS A 113 10.44 -12.16 5.14
C HIS A 113 10.13 -12.93 3.86
N ASP A 114 9.19 -13.85 3.94
CA ASP A 114 8.65 -14.52 2.75
C ASP A 114 7.33 -15.20 3.10
N GLN A 115 6.23 -14.55 2.74
CA GLN A 115 4.91 -15.00 3.18
C GLN A 115 3.95 -15.07 1.99
N SER A 116 3.11 -16.10 1.96
CA SER A 116 2.16 -16.29 0.86
C SER A 116 0.73 -16.40 1.37
N ALA A 117 -0.22 -16.06 0.50
CA ALA A 117 -1.66 -16.15 0.82
C ALA A 117 -2.43 -16.80 -0.32
N TYR A 118 -3.58 -17.39 0.02
CA TYR A 118 -4.49 -17.92 -1.00
C TYR A 118 -5.89 -17.36 -0.73
N ASP A 119 -6.45 -16.69 -1.73
CA ASP A 119 -7.74 -16.03 -1.61
C ASP A 119 -7.83 -15.13 -0.37
N GLY A 120 -6.74 -14.39 -0.10
CA GLY A 120 -6.75 -13.39 0.96
C GLY A 120 -6.53 -13.92 2.36
N LYS A 121 -6.18 -15.20 2.47
CA LYS A 121 -5.93 -15.83 3.76
C LYS A 121 -4.51 -16.37 3.82
N ASP A 122 -3.89 -16.25 4.99
CA ASP A 122 -2.56 -16.82 5.21
C ASP A 122 -2.47 -18.24 4.65
N TYR A 123 -1.40 -18.53 3.92
CA TYR A 123 -1.20 -19.87 3.41
C TYR A 123 0.06 -20.49 4.05
N ILE A 124 1.23 -20.00 3.66
CA ILE A 124 2.47 -20.47 4.28
C ILE A 124 3.43 -19.29 4.51
N ALA A 125 4.27 -19.38 5.53
CA ALA A 125 5.20 -18.30 5.85
C ALA A 125 6.55 -18.82 6.33
N LEU A 126 7.62 -18.22 5.82
CA LEU A 126 8.96 -18.52 6.31
C LEU A 126 9.12 -17.90 7.69
N ASN A 127 9.51 -18.70 8.67
CA ASN A 127 9.69 -18.19 10.03
C ASN A 127 10.90 -17.26 10.13
N GLU A 128 10.98 -16.49 11.21
CA GLU A 128 12.05 -15.51 11.37
C GLU A 128 13.44 -16.17 11.36
N ASP A 129 13.52 -17.45 11.72
CA ASP A 129 14.80 -18.16 11.70
C ASP A 129 15.33 -18.40 10.29
N LEU A 130 14.46 -18.18 9.29
CA LEU A 130 14.77 -18.45 7.88
C LEU A 130 15.19 -19.90 7.65
N SER A 131 14.71 -20.80 8.49
CA SER A 131 15.04 -22.21 8.35
C SER A 131 13.82 -23.13 8.45
N SER A 132 12.71 -22.61 8.98
CA SER A 132 11.49 -23.40 9.11
C SER A 132 10.26 -22.64 8.59
N TRP A 133 9.13 -23.34 8.54
CA TRP A 133 7.90 -22.79 7.96
C TRP A 133 6.70 -22.82 8.92
N THR A 134 5.80 -21.85 8.76
CA THR A 134 4.48 -21.92 9.39
C THR A 134 3.41 -22.09 8.32
N ALA A 135 2.70 -23.22 8.37
CA ALA A 135 1.60 -23.51 7.46
C ALA A 135 0.27 -23.25 8.14
N ALA A 136 -0.65 -22.59 7.44
CA ALA A 136 -1.89 -22.13 8.06
C ALA A 136 -3.00 -23.19 8.08
N ASP A 137 -2.89 -24.20 7.23
CA ASP A 137 -3.91 -25.25 7.16
C ASP A 137 -3.33 -26.54 6.58
N THR A 138 -4.15 -27.57 6.44
CA THR A 138 -3.65 -28.87 6.00
C THR A 138 -3.18 -28.85 4.53
N ALA A 139 -3.68 -27.91 3.74
CA ALA A 139 -3.20 -27.79 2.37
C ALA A 139 -1.79 -27.24 2.36
N ALA A 140 -1.55 -26.18 3.12
CA ALA A 140 -0.22 -25.59 3.19
C ALA A 140 0.79 -26.56 3.80
N GLN A 141 0.32 -27.50 4.62
CA GLN A 141 1.23 -28.50 5.19
C GLN A 141 1.78 -29.42 4.10
N ILE A 142 0.99 -29.64 3.05
CA ILE A 142 1.47 -30.41 1.91
C ILE A 142 2.63 -29.67 1.24
N THR A 143 2.44 -28.39 0.96
CA THR A 143 3.52 -27.55 0.42
C THR A 143 4.72 -27.54 1.36
N GLN A 144 4.49 -27.41 2.66
CA GLN A 144 5.59 -27.41 3.62
C GLN A 144 6.45 -28.68 3.54
N ARG A 145 5.81 -29.84 3.40
CA ARG A 145 6.55 -31.10 3.30
C ARG A 145 7.40 -31.14 2.04
N LYS A 146 6.87 -30.59 0.95
CA LYS A 146 7.61 -30.51 -0.30
C LYS A 146 8.83 -29.60 -0.17
N TRP A 147 8.64 -28.46 0.48
CA TRP A 147 9.69 -27.45 0.58
C TRP A 147 10.76 -27.87 1.60
N GLU A 148 10.36 -28.64 2.60
CA GLU A 148 11.32 -29.22 3.53
C GLU A 148 12.19 -30.26 2.84
N ALA A 149 11.58 -31.06 1.98
CA ALA A 149 12.32 -32.08 1.24
C ALA A 149 13.31 -31.46 0.26
N ALA A 150 12.92 -30.37 -0.39
CA ALA A 150 13.77 -29.72 -1.38
C ALA A 150 14.66 -28.64 -0.77
N ARG A 151 14.60 -28.51 0.56
CA ARG A 151 15.40 -27.52 1.30
C ARG A 151 15.27 -26.12 0.71
N VAL A 152 14.02 -25.68 0.51
CA VAL A 152 13.74 -24.37 -0.06
C VAL A 152 14.13 -23.23 0.88
N ALA A 153 13.97 -23.45 2.18
CA ALA A 153 14.28 -22.44 3.17
C ALA A 153 15.74 -22.00 3.08
N GLU A 154 16.61 -22.95 2.76
CA GLU A 154 18.04 -22.65 2.62
C GLU A 154 18.31 -21.72 1.43
N GLN A 155 17.55 -21.90 0.36
CA GLN A 155 17.70 -21.04 -0.81
C GLN A 155 17.24 -19.62 -0.50
N LEU A 156 16.11 -19.51 0.20
CA LEU A 156 15.57 -18.22 0.61
C LEU A 156 16.53 -17.49 1.53
N ARG A 157 17.07 -18.22 2.50
CA ARG A 157 18.02 -17.66 3.44
C ARG A 157 19.23 -17.09 2.71
N ALA A 158 19.70 -17.82 1.71
CA ALA A 158 20.85 -17.41 0.92
C ALA A 158 20.56 -16.08 0.20
N TYR A 159 19.33 -15.94 -0.31
CA TYR A 159 18.91 -14.71 -0.97
C TYR A 159 18.71 -13.57 0.02
N LEU A 160 17.98 -13.84 1.09
CA LEU A 160 17.67 -12.80 2.07
C LEU A 160 18.93 -12.25 2.74
N GLU A 161 19.89 -13.14 3.01
CA GLU A 161 21.13 -12.73 3.67
C GLU A 161 22.16 -12.18 2.69
N GLY A 162 22.01 -12.50 1.41
CA GLY A 162 23.00 -12.13 0.41
C GLY A 162 22.51 -11.04 -0.53
N LEU A 163 22.05 -11.46 -1.70
CA LEU A 163 21.61 -10.56 -2.77
C LEU A 163 20.62 -9.48 -2.31
N CYS A 164 19.61 -9.88 -1.54
CA CYS A 164 18.59 -8.93 -1.10
C CYS A 164 19.24 -7.76 -0.36
N VAL A 165 20.09 -8.07 0.61
CA VAL A 165 20.79 -7.05 1.38
C VAL A 165 21.74 -6.24 0.51
N GLU A 166 22.51 -6.92 -0.33
CA GLU A 166 23.49 -6.24 -1.15
C GLU A 166 22.84 -5.27 -2.13
N TRP A 167 21.74 -5.67 -2.75
CA TRP A 167 21.10 -4.80 -3.74
C TRP A 167 20.31 -3.67 -3.08
N LEU A 168 19.75 -3.93 -1.90
CA LEU A 168 19.08 -2.87 -1.15
C LEU A 168 20.06 -1.74 -0.81
N ARG A 169 21.24 -2.12 -0.35
CA ARG A 169 22.29 -1.14 -0.05
C ARG A 169 22.68 -0.37 -1.31
N ARG A 170 22.75 -1.07 -2.45
CA ARG A 170 23.03 -0.44 -3.72
C ARG A 170 21.98 0.62 -4.09
N TYR A 171 20.70 0.25 -3.95
CA TYR A 171 19.61 1.17 -4.23
C TYR A 171 19.65 2.38 -3.30
N LEU A 172 19.95 2.12 -2.03
CA LEU A 172 20.00 3.19 -1.03
C LEU A 172 21.08 4.22 -1.34
N GLU A 173 22.17 3.77 -1.96
CA GLU A 173 23.23 4.69 -2.36
C GLU A 173 22.87 5.47 -3.62
N ASN A 174 22.34 4.79 -4.63
CA ASN A 174 21.94 5.44 -5.88
C ASN A 174 20.77 6.41 -5.71
N GLY A 175 19.85 6.11 -4.79
CA GLY A 175 18.72 7.00 -4.55
C GLY A 175 18.81 7.74 -3.23
N LYS A 176 20.02 8.04 -2.78
CA LYS A 176 20.21 8.57 -1.43
C LYS A 176 19.59 9.95 -1.20
N GLU A 177 19.42 10.72 -2.26
N GLU A 177 19.40 10.72 -2.27
CA GLU A 177 18.85 12.05 -2.16
CA GLU A 177 18.85 12.06 -2.12
C GLU A 177 17.38 12.00 -1.75
C GLU A 177 17.36 12.03 -1.81
N THR A 178 16.72 10.88 -2.03
CA THR A 178 15.29 10.72 -1.73
C THR A 178 15.03 9.59 -0.73
N LEU A 179 15.63 8.43 -0.97
CA LEU A 179 15.41 7.28 -0.09
C LEU A 179 15.92 7.52 1.32
N GLN A 180 17.05 8.23 1.45
CA GLN A 180 17.63 8.49 2.76
C GLN A 180 17.28 9.89 3.28
N ARG A 181 16.16 10.41 2.80
CA ARG A 181 15.67 11.73 3.23
C ARG A 181 14.26 11.63 3.78
N ALA A 182 14.10 11.99 5.05
CA ALA A 182 12.79 12.05 5.67
C ALA A 182 12.21 13.45 5.55
N ASP A 183 10.95 13.55 5.13
CA ASP A 183 10.26 14.83 5.11
C ASP A 183 9.26 14.89 6.27
N PRO A 184 9.46 15.86 7.18
CA PRO A 184 8.57 15.97 8.34
C PRO A 184 7.18 16.44 7.94
N PRO A 185 6.17 16.09 8.74
CA PRO A 185 4.82 16.56 8.43
C PRO A 185 4.67 18.06 8.62
N LYS A 186 3.86 18.69 7.76
CA LYS A 186 3.34 20.03 8.02
C LYS A 186 2.03 19.85 8.76
N THR A 187 1.92 20.47 9.93
CA THR A 187 0.80 20.20 10.84
C THR A 187 0.00 21.44 11.20
N HIS A 188 -1.32 21.26 11.36
CA HIS A 188 -2.17 22.30 11.91
C HIS A 188 -3.48 21.69 12.42
N VAL A 189 -4.19 22.46 13.24
CA VAL A 189 -5.45 22.02 13.80
C VAL A 189 -6.60 22.86 13.26
N THR A 190 -7.65 22.21 12.78
CA THR A 190 -8.82 22.94 12.30
C THR A 190 -9.99 22.74 13.25
N HIS A 191 -10.93 23.68 13.22
CA HIS A 191 -12.04 23.69 14.17
C HIS A 191 -13.33 23.88 13.41
N HIS A 192 -14.27 22.94 13.58
CA HIS A 192 -15.56 23.02 12.91
C HIS A 192 -16.70 22.73 13.87
N PRO A 193 -17.49 23.76 14.19
CA PRO A 193 -18.68 23.60 15.02
C PRO A 193 -19.66 22.58 14.44
N ILE A 194 -20.11 21.66 15.28
CA ILE A 194 -21.13 20.68 14.92
C ILE A 194 -22.51 21.22 15.27
N SER A 195 -22.58 21.79 16.47
CA SER A 195 -23.80 22.39 16.99
C SER A 195 -23.38 23.51 17.91
N ASP A 196 -24.32 24.03 18.70
CA ASP A 196 -24.00 25.02 19.73
C ASP A 196 -23.20 24.41 20.88
N HIS A 197 -23.30 23.09 21.06
N HIS A 197 -23.36 23.10 21.06
CA HIS A 197 -22.72 22.45 22.22
CA HIS A 197 -22.79 22.37 22.19
C HIS A 197 -21.52 21.56 21.90
C HIS A 197 -21.43 21.74 21.88
N GLU A 198 -21.23 21.36 20.62
CA GLU A 198 -20.07 20.53 20.24
C GLU A 198 -19.31 21.06 19.04
N ALA A 199 -18.01 20.76 19.01
CA ALA A 199 -17.15 21.10 17.89
C ALA A 199 -16.20 19.96 17.56
N THR A 200 -15.83 19.87 16.28
CA THR A 200 -14.82 18.92 15.83
C THR A 200 -13.45 19.59 15.77
N LEU A 201 -12.46 18.99 16.41
CA LEU A 201 -11.08 19.39 16.24
C LEU A 201 -10.40 18.35 15.36
N ARG A 202 -9.73 18.80 14.29
CA ARG A 202 -9.07 17.87 13.38
C ARG A 202 -7.61 18.23 13.26
N CYS A 203 -6.75 17.28 13.62
CA CYS A 203 -5.31 17.46 13.58
C CYS A 203 -4.79 16.92 12.25
N TRP A 204 -4.18 17.78 11.44
CA TRP A 204 -3.70 17.44 10.12
C TRP A 204 -2.19 17.21 10.06
N ALA A 205 -1.77 16.19 9.32
CA ALA A 205 -0.36 16.01 8.98
C ALA A 205 -0.25 15.85 7.46
N LEU A 206 0.55 16.70 6.83
CA LEU A 206 0.62 16.77 5.37
C LEU A 206 2.05 16.74 4.86
N GLY A 207 2.25 16.14 3.68
CA GLY A 207 3.54 16.16 3.02
C GLY A 207 4.69 15.40 3.69
N PHE A 208 4.39 14.34 4.41
CA PHE A 208 5.45 13.61 5.09
C PHE A 208 5.88 12.33 4.37
N TYR A 209 7.14 11.96 4.62
CA TYR A 209 7.74 10.73 4.12
C TYR A 209 8.82 10.30 5.11
N PRO A 210 8.85 9.01 5.49
CA PRO A 210 7.98 7.91 5.04
C PRO A 210 6.58 7.96 5.65
N ALA A 211 5.78 6.92 5.40
CA ALA A 211 4.36 6.95 5.75
C ALA A 211 4.11 6.75 7.24
N GLU A 212 5.05 6.08 7.91
CA GLU A 212 4.90 5.77 9.33
C GLU A 212 4.78 7.06 10.12
N ILE A 213 3.70 7.18 10.89
CA ILE A 213 3.44 8.38 11.66
C ILE A 213 2.50 8.02 12.80
N THR A 214 2.52 8.80 13.87
CA THR A 214 1.55 8.64 14.94
C THR A 214 0.90 9.98 15.26
N LEU A 215 -0.44 10.01 15.21
CA LEU A 215 -1.21 11.18 15.59
C LEU A 215 -2.15 10.80 16.73
N THR A 216 -2.03 11.47 17.87
CA THR A 216 -2.92 11.18 18.99
C THR A 216 -3.50 12.45 19.62
N TRP A 217 -4.75 12.37 20.07
CA TRP A 217 -5.36 13.46 20.81
C TRP A 217 -5.32 13.19 22.30
N GLN A 218 -4.95 14.20 23.08
CA GLN A 218 -5.04 14.10 24.53
C GLN A 218 -6.05 15.11 25.06
N ARG A 219 -6.84 14.68 26.03
CA ARG A 219 -7.72 15.56 26.78
C ARG A 219 -7.24 15.60 28.22
N ASP A 220 -6.86 16.80 28.69
CA ASP A 220 -6.27 16.96 30.01
C ASP A 220 -5.08 16.03 30.23
N GLY A 221 -4.31 15.80 29.17
CA GLY A 221 -3.11 14.97 29.24
C GLY A 221 -3.36 13.48 29.11
N GLU A 222 -4.61 13.09 28.95
CA GLU A 222 -4.97 11.68 28.81
C GLU A 222 -5.32 11.31 27.37
N ASP A 223 -4.71 10.23 26.87
CA ASP A 223 -4.95 9.75 25.51
C ASP A 223 -6.43 9.45 25.28
N GLN A 224 -6.94 9.88 24.13
CA GLN A 224 -8.35 9.72 23.79
C GLN A 224 -8.54 8.68 22.70
N THR A 225 -7.83 7.57 22.83
CA THR A 225 -7.75 6.54 21.80
C THR A 225 -9.12 6.06 21.31
N GLN A 226 -10.00 5.71 22.23
CA GLN A 226 -11.29 5.13 21.87
C GLN A 226 -12.30 6.17 21.37
N ASP A 227 -11.95 7.46 21.48
CA ASP A 227 -12.85 8.52 21.05
C ASP A 227 -12.34 9.31 19.83
N THR A 228 -11.19 8.90 19.30
CA THR A 228 -10.59 9.59 18.16
C THR A 228 -10.92 8.89 16.84
N GLU A 229 -11.33 9.68 15.84
CA GLU A 229 -11.49 9.16 14.48
C GLU A 229 -10.19 9.34 13.70
N LEU A 230 -9.63 8.23 13.25
CA LEU A 230 -8.35 8.23 12.57
C LEU A 230 -8.52 7.72 11.15
N VAL A 231 -8.24 8.53 10.14
CA VAL A 231 -8.31 8.02 8.77
C VAL A 231 -7.03 7.28 8.42
N GLU A 232 -7.14 6.35 7.49
CA GLU A 232 -5.99 5.63 6.98
C GLU A 232 -5.02 6.60 6.33
N THR A 233 -3.72 6.41 6.58
CA THR A 233 -2.69 7.20 5.93
C THR A 233 -2.81 7.02 4.43
N ARG A 234 -2.75 8.13 3.69
CA ARG A 234 -3.07 8.10 2.25
C ARG A 234 -1.98 8.80 1.44
N PRO A 235 -1.70 8.30 0.22
CA PRO A 235 -0.68 8.91 -0.62
C PRO A 235 -1.16 10.20 -1.25
N ALA A 236 -0.30 11.22 -1.31
CA ALA A 236 -0.68 12.49 -1.91
C ALA A 236 -0.48 12.45 -3.43
N GLY A 237 0.41 11.57 -3.88
CA GLY A 237 0.70 11.45 -5.30
C GLY A 237 2.06 11.99 -5.72
N ASP A 238 2.73 12.69 -4.81
CA ASP A 238 4.05 13.27 -5.08
C ASP A 238 5.15 12.61 -4.26
N ARG A 239 4.90 11.36 -3.87
CA ARG A 239 5.72 10.51 -2.96
C ARG A 239 5.35 10.67 -1.48
N THR A 240 4.77 11.80 -1.10
CA THR A 240 4.45 12.03 0.31
C THR A 240 3.08 11.53 0.70
N PHE A 241 2.76 11.64 2.00
CA PHE A 241 1.55 11.08 2.56
C PHE A 241 0.79 12.09 3.41
N GLN A 242 -0.47 11.76 3.67
CA GLN A 242 -1.38 12.61 4.44
C GLN A 242 -2.12 11.79 5.49
N LYS A 243 -2.45 12.42 6.62
CA LYS A 243 -3.27 11.75 7.65
C LYS A 243 -3.92 12.81 8.53
N TRP A 244 -5.12 12.52 9.03
CA TRP A 244 -5.68 13.37 10.08
C TRP A 244 -6.35 12.55 11.18
N ALA A 245 -6.48 13.19 12.33
CA ALA A 245 -7.14 12.61 13.50
C ALA A 245 -8.13 13.63 14.04
N ALA A 246 -9.33 13.17 14.38
CA ALA A 246 -10.39 14.07 14.80
C ALA A 246 -11.05 13.63 16.11
N VAL A 247 -11.49 14.60 16.88
CA VAL A 247 -12.21 14.34 18.11
CA VAL A 247 -12.20 14.35 18.13
C VAL A 247 -13.34 15.34 18.25
N VAL A 248 -14.47 14.89 18.82
CA VAL A 248 -15.61 15.76 19.04
C VAL A 248 -15.58 16.25 20.48
N VAL A 249 -15.56 17.57 20.66
CA VAL A 249 -15.31 18.14 21.97
C VAL A 249 -16.45 19.08 22.40
N PRO A 250 -16.67 19.19 23.71
CA PRO A 250 -17.67 20.16 24.19
C PRO A 250 -17.23 21.59 23.91
N SER A 251 -18.13 22.40 23.39
CA SER A 251 -17.85 23.79 23.09
C SER A 251 -17.39 24.54 24.34
N GLY A 252 -16.24 25.19 24.26
CA GLY A 252 -15.68 25.90 25.39
C GLY A 252 -14.56 25.13 26.08
N GLU A 253 -14.36 23.87 25.70
CA GLU A 253 -13.31 23.04 26.29
C GLU A 253 -12.19 22.74 25.28
N GLU A 254 -12.19 23.45 24.16
CA GLU A 254 -11.22 23.21 23.08
C GLU A 254 -9.77 23.26 23.56
N GLN A 255 -9.49 24.13 24.51
CA GLN A 255 -8.11 24.33 24.93
C GLN A 255 -7.61 23.23 25.88
N ARG A 256 -8.49 22.33 26.27
CA ARG A 256 -8.07 21.18 27.09
C ARG A 256 -7.57 20.04 26.22
N TYR A 257 -7.59 20.24 24.91
CA TYR A 257 -7.18 19.21 23.95
C TYR A 257 -5.86 19.57 23.28
N THR A 258 -4.97 18.57 23.17
CA THR A 258 -3.68 18.75 22.52
C THR A 258 -3.40 17.60 21.55
N CYS A 259 -2.87 17.94 20.38
CA CYS A 259 -2.53 16.92 19.39
C CYS A 259 -1.03 16.63 19.44
N HIS A 260 -0.68 15.35 19.43
CA HIS A 260 0.71 14.93 19.55
C HIS A 260 1.15 14.19 18.29
N VAL A 261 2.24 14.66 17.70
CA VAL A 261 2.70 14.11 16.43
C VAL A 261 4.09 13.50 16.54
N GLN A 262 4.22 12.25 16.10
CA GLN A 262 5.53 11.60 16.06
C GLN A 262 5.88 11.18 14.65
N HIS A 263 7.04 11.61 14.17
CA HIS A 263 7.51 11.21 12.84
C HIS A 263 9.04 11.23 12.80
N GLU A 264 9.60 10.33 11.99
CA GLU A 264 11.05 10.19 11.85
C GLU A 264 11.74 11.50 11.44
N GLY A 265 11.05 12.34 10.68
CA GLY A 265 11.60 13.59 10.20
C GLY A 265 11.61 14.73 11.22
N LEU A 266 10.95 14.52 12.35
CA LEU A 266 10.93 15.50 13.43
C LEU A 266 12.01 15.18 14.46
N PRO A 267 12.78 16.20 14.88
CA PRO A 267 13.80 16.00 15.92
C PRO A 267 13.18 15.59 17.26
N LYS A 268 12.02 16.17 17.58
CA LYS A 268 11.27 15.81 18.78
C LYS A 268 9.79 15.71 18.43
N PRO A 269 9.03 14.90 19.19
CA PRO A 269 7.58 14.87 18.97
C PRO A 269 6.95 16.24 19.14
N LEU A 270 5.94 16.54 18.32
CA LEU A 270 5.27 17.83 18.33
C LEU A 270 3.99 17.81 19.15
N THR A 271 3.73 18.91 19.85
CA THR A 271 2.47 19.12 20.54
C THR A 271 1.82 20.38 19.99
N LEU A 272 0.58 20.28 19.50
CA LEU A 272 -0.10 21.48 19.02
C LEU A 272 -1.55 21.54 19.50
N ARG A 273 -2.14 22.71 19.36
CA ARG A 273 -3.50 22.97 19.80
C ARG A 273 -4.21 23.83 18.76
N TRP A 274 -5.52 23.97 18.92
CA TRP A 274 -6.28 24.88 18.07
C TRP A 274 -5.92 26.32 18.44
N GLU A 275 -5.51 27.10 17.44
CA GLU A 275 -5.20 28.51 17.64
C GLU A 275 -6.25 29.37 16.94
N PRO A 276 -7.26 29.82 17.70
CA PRO A 276 -8.39 30.60 17.16
C PRO A 276 -7.95 31.90 16.50
N MET B 1 -15.41 -18.23 -0.34
CA MET B 1 -14.28 -17.53 0.23
C MET B 1 -14.71 -16.19 0.80
N ILE B 2 -13.75 -15.43 1.33
CA ILE B 2 -14.07 -14.17 1.98
C ILE B 2 -13.80 -12.97 1.08
N GLN B 3 -14.63 -11.95 1.22
CA GLN B 3 -14.55 -10.74 0.42
C GLN B 3 -14.59 -9.52 1.34
N ARG B 4 -13.82 -8.49 1.00
CA ARG B 4 -13.77 -7.27 1.79
C ARG B 4 -14.09 -6.05 0.94
N THR B 5 -14.98 -5.20 1.44
CA THR B 5 -15.44 -4.05 0.69
C THR B 5 -14.42 -2.91 0.77
N PRO B 6 -14.28 -2.13 -0.31
CA PRO B 6 -13.25 -1.08 -0.30
C PRO B 6 -13.57 0.10 0.61
N LYS B 7 -12.54 0.65 1.24
CA LYS B 7 -12.64 1.94 1.90
C LYS B 7 -12.33 2.99 0.85
N ILE B 8 -12.98 4.16 0.95
CA ILE B 8 -12.83 5.18 -0.07
C ILE B 8 -12.52 6.55 0.51
N GLN B 9 -11.42 7.15 0.05
CA GLN B 9 -11.12 8.54 0.41
C GLN B 9 -10.96 9.39 -0.85
N VAL B 10 -11.65 10.54 -0.87
CA VAL B 10 -11.54 11.49 -1.97
C VAL B 10 -10.99 12.81 -1.46
N TYR B 11 -9.92 13.29 -2.08
CA TYR B 11 -9.16 14.42 -1.52
C TYR B 11 -8.23 15.00 -2.57
N SER B 12 -7.66 16.17 -2.28
CA SER B 12 -6.71 16.79 -3.20
C SER B 12 -5.26 16.64 -2.73
N ARG B 13 -4.32 16.71 -3.66
CA ARG B 13 -2.89 16.59 -3.32
C ARG B 13 -2.45 17.75 -2.45
N HIS B 14 -2.82 18.97 -2.87
CA HIS B 14 -2.54 20.17 -2.11
C HIS B 14 -3.85 20.76 -1.58
N PRO B 15 -3.79 21.55 -0.49
CA PRO B 15 -4.98 22.24 0.01
C PRO B 15 -5.67 23.03 -1.11
N ALA B 16 -6.99 22.88 -1.20
CA ALA B 16 -7.75 23.44 -2.32
C ALA B 16 -7.81 24.97 -2.27
N GLU B 17 -7.45 25.57 -3.40
CA GLU B 17 -7.64 27.00 -3.60
C GLU B 17 -8.29 27.21 -4.96
N ASN B 18 -9.50 27.76 -4.97
CA ASN B 18 -10.26 27.95 -6.19
C ASN B 18 -9.47 28.72 -7.26
N GLY B 19 -9.48 28.19 -8.48
CA GLY B 19 -8.76 28.81 -9.57
C GLY B 19 -7.33 28.33 -9.72
N LYS B 20 -6.84 27.60 -8.72
CA LYS B 20 -5.48 27.07 -8.75
C LYS B 20 -5.45 25.59 -9.09
N SER B 21 -4.60 25.22 -10.04
CA SER B 21 -4.47 23.83 -10.48
C SER B 21 -4.05 22.91 -9.34
N ASN B 22 -4.52 21.67 -9.38
CA ASN B 22 -4.30 20.72 -8.30
C ASN B 22 -4.41 19.29 -8.84
N PHE B 23 -4.44 18.31 -7.94
CA PHE B 23 -4.71 16.94 -8.33
C PHE B 23 -5.82 16.38 -7.47
N LEU B 24 -6.84 15.81 -8.12
CA LEU B 24 -7.92 15.15 -7.40
C LEU B 24 -7.59 13.67 -7.23
N ASN B 25 -7.62 13.20 -5.99
CA ASN B 25 -7.27 11.82 -5.67
C ASN B 25 -8.46 10.99 -5.21
N CYS B 26 -8.55 9.74 -5.67
CA CYS B 26 -9.45 8.78 -5.07
C CYS B 26 -8.63 7.56 -4.66
N TYR B 27 -8.50 7.37 -3.35
CA TYR B 27 -7.74 6.27 -2.78
C TYR B 27 -8.67 5.15 -2.34
N VAL B 28 -8.59 4.00 -2.99
CA VAL B 28 -9.41 2.86 -2.60
C VAL B 28 -8.52 1.80 -1.96
N SER B 29 -8.95 1.25 -0.83
CA SER B 29 -8.08 0.35 -0.08
C SER B 29 -8.88 -0.66 0.74
N GLY B 30 -8.16 -1.63 1.33
CA GLY B 30 -8.78 -2.62 2.19
C GLY B 30 -9.71 -3.59 1.51
N PHE B 31 -9.62 -3.72 0.18
CA PHE B 31 -10.58 -4.58 -0.52
C PHE B 31 -9.99 -5.88 -1.02
N HIS B 32 -10.88 -6.85 -1.22
CA HIS B 32 -10.55 -8.17 -1.72
C HIS B 32 -11.83 -8.81 -2.25
N PRO B 33 -11.79 -9.41 -3.45
CA PRO B 33 -10.65 -9.57 -4.36
C PRO B 33 -10.27 -8.28 -5.11
N SER B 34 -9.39 -8.41 -6.10
CA SER B 34 -8.69 -7.24 -6.67
C SER B 34 -9.45 -6.51 -7.76
N ASP B 35 -10.41 -7.17 -8.41
CA ASP B 35 -11.18 -6.51 -9.47
C ASP B 35 -11.99 -5.37 -8.90
N ILE B 36 -11.80 -4.18 -9.47
CA ILE B 36 -12.52 -3.00 -9.00
C ILE B 36 -12.68 -2.00 -10.15
N GLU B 37 -13.77 -1.23 -10.10
CA GLU B 37 -14.05 -0.24 -11.13
C GLU B 37 -14.15 1.12 -10.47
N VAL B 38 -13.34 2.07 -10.93
CA VAL B 38 -13.31 3.40 -10.33
C VAL B 38 -13.40 4.50 -11.38
N ASP B 39 -14.34 5.42 -11.19
CA ASP B 39 -14.45 6.61 -12.03
C ASP B 39 -14.35 7.88 -11.20
N LEU B 40 -13.72 8.90 -11.77
CA LEU B 40 -13.74 10.23 -11.17
C LEU B 40 -14.77 11.07 -11.91
N LEU B 41 -15.66 11.72 -11.16
CA LEU B 41 -16.77 12.45 -11.76
C LEU B 41 -16.61 13.96 -11.57
N LYS B 42 -17.02 14.71 -12.60
CA LYS B 42 -17.13 16.17 -12.50
C LYS B 42 -18.55 16.58 -12.84
N ASN B 43 -19.28 17.06 -11.84
CA ASN B 43 -20.70 17.37 -12.00
C ASN B 43 -21.48 16.19 -12.58
N GLY B 44 -21.24 15.00 -12.02
CA GLY B 44 -21.96 13.81 -12.43
C GLY B 44 -21.45 13.15 -13.70
N GLU B 45 -20.50 13.79 -14.36
CA GLU B 45 -19.99 13.26 -15.63
C GLU B 45 -18.60 12.67 -15.46
N ARG B 46 -18.29 11.63 -16.24
CA ARG B 46 -17.04 10.90 -16.11
C ARG B 46 -15.84 11.66 -16.69
N ILE B 47 -14.77 11.76 -15.90
CA ILE B 47 -13.54 12.40 -16.36
C ILE B 47 -12.71 11.37 -17.14
N GLU B 48 -12.13 11.80 -18.26
CA GLU B 48 -11.48 10.88 -19.18
C GLU B 48 -9.98 10.61 -18.92
N LYS B 49 -9.26 11.60 -18.41
CA LYS B 49 -7.80 11.49 -18.36
C LYS B 49 -7.25 10.79 -17.12
N VAL B 50 -8.11 10.08 -16.37
CA VAL B 50 -7.73 9.53 -15.07
C VAL B 50 -6.67 8.42 -15.13
N GLU B 51 -5.62 8.58 -14.34
CA GLU B 51 -4.57 7.57 -14.21
C GLU B 51 -4.69 6.84 -12.87
N HIS B 52 -3.97 5.73 -12.73
CA HIS B 52 -3.97 5.01 -11.46
C HIS B 52 -2.65 4.27 -11.20
N SER B 53 -2.42 3.92 -9.95
CA SER B 53 -1.19 3.28 -9.52
C SER B 53 -1.18 1.78 -9.84
N ASP B 54 0.00 1.18 -9.76
CA ASP B 54 0.14 -0.26 -9.95
C ASP B 54 -0.44 -1.01 -8.75
N LEU B 55 -1.19 -2.08 -9.02
CA LEU B 55 -1.85 -2.85 -7.98
C LEU B 55 -0.87 -3.36 -6.92
N SER B 56 -1.18 -3.09 -5.66
CA SER B 56 -0.37 -3.58 -4.56
C SER B 56 -1.28 -3.91 -3.39
N PHE B 57 -0.72 -4.39 -2.29
CA PHE B 57 -1.54 -4.77 -1.15
C PHE B 57 -0.83 -4.60 0.20
N SER B 58 -1.64 -4.53 1.25
CA SER B 58 -1.17 -4.31 2.61
C SER B 58 -0.76 -5.62 3.28
N LYS B 59 -0.23 -5.53 4.49
CA LYS B 59 0.23 -6.70 5.24
C LYS B 59 -0.89 -7.70 5.54
N ASP B 60 -2.14 -7.23 5.48
CA ASP B 60 -3.29 -8.11 5.72
C ASP B 60 -3.86 -8.64 4.40
N TRP B 61 -3.10 -8.43 3.32
CA TRP B 61 -3.39 -8.93 1.97
C TRP B 61 -4.44 -8.12 1.21
N SER B 62 -5.01 -7.10 1.85
CA SER B 62 -6.03 -6.29 1.18
C SER B 62 -5.37 -5.33 0.19
N PHE B 63 -6.01 -5.15 -0.96
CA PHE B 63 -5.44 -4.37 -2.06
C PHE B 63 -5.66 -2.87 -1.88
N TYR B 64 -4.81 -2.08 -2.54
CA TYR B 64 -5.04 -0.63 -2.61
C TYR B 64 -4.59 -0.04 -3.95
N LEU B 65 -5.29 1.02 -4.36
CA LEU B 65 -5.03 1.71 -5.61
C LEU B 65 -5.28 3.21 -5.45
N LEU B 66 -4.43 4.02 -6.06
CA LEU B 66 -4.69 5.46 -6.11
C LEU B 66 -5.12 5.86 -7.53
N TYR B 67 -6.30 6.46 -7.64
CA TYR B 67 -6.75 7.05 -8.91
C TYR B 67 -6.64 8.57 -8.81
N TYR B 68 -6.18 9.22 -9.87
CA TYR B 68 -5.95 10.66 -9.80
C TYR B 68 -6.05 11.35 -11.15
N THR B 69 -6.41 12.63 -11.10
CA THR B 69 -6.51 13.44 -12.30
C THR B 69 -6.18 14.88 -11.96
N GLU B 70 -5.60 15.61 -12.92
CA GLU B 70 -5.33 17.03 -12.72
C GLU B 70 -6.63 17.81 -12.83
N PHE B 71 -6.82 18.78 -11.95
CA PHE B 71 -8.04 19.58 -12.00
C PHE B 71 -7.84 20.97 -11.38
N THR B 72 -8.75 21.88 -11.71
CA THR B 72 -8.77 23.20 -11.12
C THR B 72 -10.09 23.42 -10.43
N PRO B 73 -10.10 23.34 -9.10
CA PRO B 73 -11.32 23.48 -8.30
C PRO B 73 -11.95 24.86 -8.45
N THR B 74 -13.28 24.90 -8.52
CA THR B 74 -14.01 26.16 -8.54
C THR B 74 -15.09 26.14 -7.46
N GLU B 75 -15.80 27.24 -7.32
CA GLU B 75 -16.82 27.36 -6.28
C GLU B 75 -18.04 26.50 -6.60
N LYS B 76 -18.36 26.38 -7.89
CA LYS B 76 -19.58 25.72 -8.32
C LYS B 76 -19.39 24.22 -8.59
N ASP B 77 -18.30 23.87 -9.28
CA ASP B 77 -18.07 22.50 -9.71
C ASP B 77 -18.01 21.50 -8.54
N GLU B 78 -18.70 20.38 -8.72
CA GLU B 78 -18.68 19.31 -7.72
C GLU B 78 -17.96 18.09 -8.28
N TYR B 79 -17.07 17.52 -7.48
CA TYR B 79 -16.31 16.34 -7.90
C TYR B 79 -16.65 15.14 -7.01
N ALA B 80 -16.56 13.95 -7.59
CA ALA B 80 -16.90 12.74 -6.87
C ALA B 80 -16.09 11.55 -7.37
N CYS B 81 -16.06 10.50 -6.55
CA CYS B 81 -15.47 9.24 -6.96
C CYS B 81 -16.57 8.18 -6.93
N ARG B 82 -16.65 7.38 -7.99
CA ARG B 82 -17.66 6.33 -8.10
C ARG B 82 -16.99 4.96 -8.16
N VAL B 83 -17.30 4.10 -7.20
CA VAL B 83 -16.62 2.82 -7.08
C VAL B 83 -17.59 1.65 -7.16
N ASN B 84 -17.23 0.63 -7.95
CA ASN B 84 -17.97 -0.62 -7.95
C ASN B 84 -17.05 -1.80 -7.65
N HIS B 85 -17.60 -2.77 -6.92
CA HIS B 85 -16.85 -3.92 -6.44
C HIS B 85 -17.84 -5.06 -6.25
N VAL B 86 -17.35 -6.30 -6.29
CA VAL B 86 -18.24 -7.46 -6.16
C VAL B 86 -19.00 -7.41 -4.82
N THR B 87 -18.41 -6.77 -3.82
CA THR B 87 -19.06 -6.63 -2.52
C THR B 87 -20.18 -5.58 -2.54
N LEU B 88 -20.30 -4.83 -3.63
CA LEU B 88 -21.30 -3.76 -3.71
C LEU B 88 -22.43 -4.10 -4.67
N SER B 89 -23.66 -3.99 -4.17
CA SER B 89 -24.84 -4.22 -5.00
C SER B 89 -24.95 -3.15 -6.07
N GLN B 90 -24.73 -1.91 -5.67
CA GLN B 90 -24.76 -0.78 -6.57
C GLN B 90 -23.49 0.05 -6.40
N PRO B 91 -23.10 0.83 -7.42
CA PRO B 91 -21.92 1.70 -7.32
C PRO B 91 -22.03 2.70 -6.18
N LYS B 92 -20.98 2.80 -5.37
CA LYS B 92 -20.93 3.75 -4.27
C LYS B 92 -20.32 5.05 -4.76
N ILE B 93 -20.98 6.17 -4.44
CA ILE B 93 -20.49 7.48 -4.86
C ILE B 93 -20.10 8.31 -3.66
N VAL B 94 -18.83 8.71 -3.59
CA VAL B 94 -18.33 9.55 -2.52
C VAL B 94 -17.96 10.92 -3.06
N LYS B 95 -18.59 11.96 -2.53
CA LYS B 95 -18.35 13.31 -3.02
C LYS B 95 -17.10 13.91 -2.39
N TRP B 96 -16.36 14.70 -3.16
CA TRP B 96 -15.17 15.36 -2.64
C TRP B 96 -15.55 16.43 -1.63
N ASP B 97 -15.12 16.22 -0.38
CA ASP B 97 -15.22 17.22 0.67
C ASP B 97 -13.84 17.85 0.85
N ARG B 98 -13.74 19.14 0.54
CA ARG B 98 -12.44 19.82 0.55
C ARG B 98 -11.83 19.98 1.94
N ASP B 99 -12.57 19.60 2.98
CA ASP B 99 -12.06 19.69 4.35
C ASP B 99 -11.85 18.31 4.97
N MET B 100 -11.72 17.29 4.12
CA MET B 100 -11.56 15.92 4.60
C MET B 100 -10.48 15.17 3.85
N LEU C 1 16.54 -6.23 -6.42
CA LEU C 1 16.73 -7.41 -7.26
C LEU C 1 15.87 -8.56 -6.76
N ALA C 2 15.00 -9.06 -7.64
CA ALA C 2 14.00 -10.05 -7.26
C ALA C 2 14.58 -11.45 -7.03
N LEU C 3 13.89 -12.20 -6.18
CA LEU C 3 14.19 -13.60 -5.92
C LEU C 3 13.84 -14.48 -7.12
N LEU C 4 14.67 -15.48 -7.39
CA LEU C 4 14.32 -16.50 -8.38
C LEU C 4 13.36 -17.52 -7.75
N THR C 5 12.21 -17.76 -8.39
CA THR C 5 11.27 -18.74 -7.87
C THR C 5 11.49 -20.10 -8.54
N GLY C 6 11.76 -21.12 -7.75
CA GLY C 6 12.06 -22.43 -8.28
C GLY C 6 10.96 -23.46 -8.10
N VAL C 7 10.75 -23.86 -6.85
CA VAL C 7 9.82 -24.93 -6.54
C VAL C 7 8.36 -24.48 -6.48
N ARG C 8 7.45 -25.33 -6.96
CA ARG C 8 6.03 -25.02 -6.91
C ARG C 8 5.41 -25.39 -5.58
N TRP C 9 4.15 -24.99 -5.40
CA TRP C 9 3.38 -25.37 -4.21
C TRP C 9 3.17 -26.87 -4.11
#